data_6X3O
#
_entry.id   6X3O
#
_cell.length_a   38.300
_cell.length_b   72.010
_cell.length_c   104.390
_cell.angle_alpha   90.000
_cell.angle_beta   91.400
_cell.angle_gamma   90.000
#
_symmetry.space_group_name_H-M   'P 1 21 1'
#
loop_
_entity.id
_entity.type
_entity.pdbx_description
1 polymer 'Tyrosine-protein kinase BTK'
2 non-polymer 4-{8-amino-3-[(6R,8aS)-3-oxo-3,5,6,7,8,8a-hexahydroindolizin-6-yl]imidazo[1,5-a]pyrazin-1-yl}-3-methoxy-N-[4-(trifluoromethyl)pyridin-2-yl]benzamide
3 non-polymer 4-[8-azanyl-3-[(2~{S})-1-[4-(dimethylamino)butanoyl]pyrrolidin-2-yl]imidazo[1,5-a]pyrazin-1-yl]-~{N}-(1,3-thiazol-2-yl)benzamide
4 water water
#
_entity_poly.entity_id   1
_entity_poly.type   'polypeptide(L)'
_entity_poly.pdbx_seq_one_letter_code
;GLGYGSWEIDPKDLTFLKELGTGQFGVVKYGKWRGQYDVAIKMIKEGSMSEDEFIEEAKVMMNLSHEKLVQLYGVCTKQR
PIFIITEYMANGCLLNYLREMRHRFQTQQLLEMCKDVCEAMEYLESKQFLHRDLAARNCLVNDQGVVKVSDFGLSRYVLD
DEYTSSVGSKFPVRWSPPEVLMYSKFSSKSDIWAFGVLMWEIYSLGKMPYERFTNSETAEHIAQGLRLYRPHLASEKVYT
IMYSCWHEKADERPTFKILLSNILDVMDEES
;
_entity_poly.pdbx_strand_id   A,B
#
loop_
_chem_comp.id
_chem_comp.type
_chem_comp.name
_chem_comp.formula
5WE non-polymer 4-[8-azanyl-3-[(2~{S})-1-[4-(dimethylamino)butanoyl]pyrrolidin-2-yl]imidazo[1,5-a]pyrazin-1-yl]-~{N}-(1,3-thiazol-2-yl)benzamide 'C26 H30 N8 O2 S'
ULY non-polymer 4-{8-amino-3-[(6R,8aS)-3-oxo-3,5,6,7,8,8a-hexahydroindolizin-6-yl]imidazo[1,5-a]pyrazin-1-yl}-3-methoxy-N-[4-(trifluoromethyl)pyridin-2-yl]benzamide 'C28 H26 F3 N7 O3'
#
# COMPACT_ATOMS: atom_id res chain seq x y z
N TRP A 7 -22.42 -11.26 -44.57
CA TRP A 7 -22.27 -12.01 -43.32
C TRP A 7 -23.64 -12.47 -42.75
N GLU A 8 -24.67 -12.55 -43.61
CA GLU A 8 -26.01 -12.99 -43.21
C GLU A 8 -26.03 -14.51 -43.07
N ILE A 9 -26.57 -15.00 -41.96
CA ILE A 9 -26.76 -16.43 -41.74
C ILE A 9 -28.24 -16.69 -42.00
N ASP A 10 -28.54 -17.77 -42.69
CA ASP A 10 -29.94 -18.12 -42.96
C ASP A 10 -30.51 -18.66 -41.62
N PRO A 11 -31.54 -18.02 -41.02
CA PRO A 11 -32.07 -18.54 -39.75
C PRO A 11 -32.61 -19.99 -39.83
N LYS A 12 -32.90 -20.49 -41.05
CA LYS A 12 -33.34 -21.86 -41.23
C LYS A 12 -32.17 -22.87 -41.02
N ASP A 13 -30.87 -22.43 -41.15
CA ASP A 13 -29.71 -23.31 -40.87
C ASP A 13 -29.44 -23.47 -39.34
N LEU A 14 -30.25 -22.83 -38.47
CA LEU A 14 -30.10 -22.89 -37.02
C LEU A 14 -31.12 -23.83 -36.36
N THR A 15 -30.66 -24.66 -35.43
CA THR A 15 -31.46 -25.59 -34.63
C THR A 15 -31.24 -25.19 -33.17
N PHE A 16 -32.31 -24.81 -32.44
CA PHE A 16 -32.22 -24.38 -31.04
C PHE A 16 -32.31 -25.58 -30.10
N LEU A 17 -31.29 -25.77 -29.25
CA LEU A 17 -31.20 -26.92 -28.35
C LEU A 17 -31.38 -26.63 -26.84
N LYS A 18 -30.83 -25.52 -26.31
CA LYS A 18 -30.93 -25.21 -24.87
C LYS A 18 -30.90 -23.69 -24.58
N GLU A 19 -31.71 -23.24 -23.59
CA GLU A 19 -31.78 -21.85 -23.16
C GLU A 19 -30.60 -21.61 -22.23
N LEU A 20 -29.73 -20.64 -22.56
CA LEU A 20 -28.53 -20.32 -21.75
C LEU A 20 -28.79 -19.23 -20.71
N GLY A 21 -29.90 -18.49 -20.82
CA GLY A 21 -30.29 -17.46 -19.88
C GLY A 21 -30.34 -16.11 -20.58
N THR A 22 -30.55 -15.06 -19.79
CA THR A 22 -30.63 -13.69 -20.28
C THR A 22 -29.28 -13.04 -20.07
N GLY A 23 -28.58 -12.76 -21.17
CA GLY A 23 -27.29 -12.10 -21.14
C GLY A 23 -27.50 -10.60 -21.18
N GLN A 24 -26.48 -9.85 -21.59
CA GLN A 24 -26.61 -8.40 -21.66
C GLN A 24 -27.32 -8.03 -22.98
N PHE A 25 -28.57 -7.52 -22.87
CA PHE A 25 -29.42 -7.05 -23.97
C PHE A 25 -30.03 -8.15 -24.87
N GLY A 26 -30.50 -9.26 -24.26
CA GLY A 26 -31.17 -10.31 -25.02
C GLY A 26 -30.96 -11.73 -24.50
N VAL A 27 -31.92 -12.61 -24.80
CA VAL A 27 -31.86 -14.02 -24.43
C VAL A 27 -30.85 -14.74 -25.35
N VAL A 28 -30.15 -15.75 -24.81
CA VAL A 28 -29.15 -16.52 -25.56
C VAL A 28 -29.51 -18.00 -25.52
N LYS A 29 -29.30 -18.70 -26.64
CA LYS A 29 -29.52 -20.14 -26.72
C LYS A 29 -28.32 -20.84 -27.27
N TYR A 30 -28.19 -22.11 -26.91
CA TYR A 30 -27.19 -23.00 -27.47
C TYR A 30 -27.92 -23.71 -28.63
N GLY A 31 -27.22 -23.94 -29.73
CA GLY A 31 -27.80 -24.58 -30.90
C GLY A 31 -26.74 -25.09 -31.85
N LYS A 32 -27.19 -25.54 -33.02
CA LYS A 32 -26.33 -26.07 -34.07
C LYS A 32 -26.57 -25.26 -35.33
N TRP A 33 -25.52 -25.10 -36.14
CA TRP A 33 -25.57 -24.45 -37.43
C TRP A 33 -25.35 -25.58 -38.44
N ARG A 34 -26.27 -25.75 -39.42
CA ARG A 34 -26.21 -26.85 -40.39
C ARG A 34 -26.19 -28.21 -39.65
N GLY A 35 -26.90 -28.29 -38.49
CA GLY A 35 -26.96 -29.47 -37.63
C GLY A 35 -25.64 -29.98 -37.02
N GLN A 36 -24.46 -29.63 -37.57
CA GLN A 36 -23.18 -30.16 -37.14
C GLN A 36 -22.37 -29.24 -36.23
N TYR A 37 -22.42 -27.91 -36.44
CA TYR A 37 -21.54 -27.00 -35.70
C TYR A 37 -22.20 -26.29 -34.53
N ASP A 38 -21.59 -26.39 -33.33
CA ASP A 38 -22.08 -25.75 -32.11
C ASP A 38 -22.03 -24.23 -32.28
N VAL A 39 -23.10 -23.52 -31.89
CA VAL A 39 -23.15 -22.06 -31.93
C VAL A 39 -23.98 -21.55 -30.75
N ALA A 40 -23.79 -20.27 -30.39
CA ALA A 40 -24.62 -19.58 -29.42
C ALA A 40 -25.42 -18.61 -30.29
N ILE A 41 -26.70 -18.40 -29.97
CA ILE A 41 -27.58 -17.50 -30.73
C ILE A 41 -28.13 -16.50 -29.76
N LYS A 42 -27.84 -15.22 -29.96
CA LYS A 42 -28.36 -14.15 -29.10
C LYS A 42 -29.44 -13.43 -29.85
N MET A 43 -30.62 -13.30 -29.22
CA MET A 43 -31.76 -12.60 -29.81
C MET A 43 -31.76 -11.22 -29.21
N ILE A 44 -31.43 -10.19 -30.01
CA ILE A 44 -31.30 -8.82 -29.54
C ILE A 44 -32.63 -8.23 -29.11
N LYS A 45 -32.72 -7.78 -27.85
CA LYS A 45 -33.94 -7.16 -27.31
C LYS A 45 -34.32 -5.96 -28.18
N GLU A 46 -35.58 -5.91 -28.63
CA GLU A 46 -36.04 -4.80 -29.48
C GLU A 46 -36.06 -3.49 -28.68
N GLY A 47 -35.62 -2.39 -29.29
CA GLY A 47 -35.56 -1.07 -28.65
C GLY A 47 -34.34 -0.86 -27.71
N SER A 48 -33.43 -1.85 -27.60
CA SER A 48 -32.26 -1.75 -26.71
C SER A 48 -30.98 -1.25 -27.43
N MET A 49 -30.89 -1.45 -28.77
CA MET A 49 -29.73 -1.05 -29.57
C MET A 49 -30.11 -0.07 -30.68
N SER A 50 -29.11 0.68 -31.14
CA SER A 50 -29.23 1.59 -32.28
C SER A 50 -28.97 0.66 -33.49
N GLU A 51 -30.06 -0.03 -33.94
CA GLU A 51 -30.00 -1.10 -34.97
C GLU A 51 -29.20 -0.78 -36.24
N ASP A 52 -29.44 0.36 -36.90
CA ASP A 52 -28.69 0.69 -38.13
C ASP A 52 -27.20 0.85 -37.87
N GLU A 53 -26.83 1.57 -36.81
CA GLU A 53 -25.41 1.74 -36.44
C GLU A 53 -24.82 0.41 -35.99
N PHE A 54 -25.58 -0.36 -35.19
CA PHE A 54 -25.19 -1.68 -34.67
C PHE A 54 -24.94 -2.69 -35.81
N ILE A 55 -25.85 -2.74 -36.81
CA ILE A 55 -25.71 -3.62 -37.98
C ILE A 55 -24.51 -3.18 -38.84
N GLU A 56 -24.26 -1.86 -38.97
CA GLU A 56 -23.11 -1.34 -39.75
C GLU A 56 -21.79 -1.75 -39.09
N GLU A 57 -21.69 -1.65 -37.74
CA GLU A 57 -20.48 -2.03 -37.01
C GLU A 57 -20.33 -3.55 -36.95
N ALA A 58 -21.43 -4.30 -36.74
CA ALA A 58 -21.39 -5.78 -36.69
C ALA A 58 -20.72 -6.37 -37.92
N LYS A 59 -20.96 -5.76 -39.11
CA LYS A 59 -20.34 -6.20 -40.37
C LYS A 59 -18.80 -6.00 -40.36
N VAL A 60 -18.30 -4.86 -39.82
CA VAL A 60 -16.86 -4.56 -39.69
C VAL A 60 -16.20 -5.50 -38.67
N MET A 61 -16.94 -5.88 -37.62
CA MET A 61 -16.41 -6.74 -36.55
C MET A 61 -16.27 -8.20 -36.94
N MET A 62 -16.94 -8.64 -38.02
CA MET A 62 -16.77 -10.02 -38.50
C MET A 62 -15.33 -10.18 -39.02
N ASN A 63 -14.64 -9.05 -39.36
CA ASN A 63 -13.25 -9.05 -39.81
C ASN A 63 -12.26 -9.15 -38.62
N LEU A 64 -12.70 -8.87 -37.35
CA LEU A 64 -11.82 -9.01 -36.19
C LEU A 64 -11.80 -10.47 -35.80
N SER A 65 -10.63 -11.11 -35.80
CA SER A 65 -10.53 -12.51 -35.45
C SER A 65 -9.28 -12.79 -34.62
N HIS A 66 -9.46 -13.48 -33.50
CA HIS A 66 -8.34 -13.83 -32.65
C HIS A 66 -8.78 -15.02 -31.82
N GLU A 67 -7.85 -15.92 -31.49
CA GLU A 67 -8.18 -17.09 -30.69
C GLU A 67 -8.77 -16.71 -29.30
N LYS A 68 -8.46 -15.52 -28.75
CA LYS A 68 -8.99 -15.12 -27.43
C LYS A 68 -10.15 -14.12 -27.51
N LEU A 69 -10.77 -13.93 -28.70
CA LEU A 69 -11.99 -13.11 -28.86
C LEU A 69 -13.06 -14.11 -29.19
N VAL A 70 -14.25 -13.98 -28.60
CA VAL A 70 -15.36 -14.88 -28.93
C VAL A 70 -15.66 -14.65 -30.45
N GLN A 71 -15.60 -15.71 -31.25
CA GLN A 71 -15.75 -15.56 -32.70
C GLN A 71 -17.17 -15.20 -33.10
N LEU A 72 -17.34 -14.11 -33.87
CA LEU A 72 -18.65 -13.72 -34.41
C LEU A 72 -18.82 -14.52 -35.74
N TYR A 73 -19.93 -15.27 -35.90
CA TYR A 73 -20.17 -16.08 -37.10
C TYR A 73 -21.05 -15.37 -38.13
N GLY A 74 -22.03 -14.62 -37.68
CA GLY A 74 -22.89 -13.89 -38.61
C GLY A 74 -24.06 -13.35 -37.87
N VAL A 75 -24.99 -12.77 -38.64
CA VAL A 75 -26.18 -12.12 -38.13
C VAL A 75 -27.42 -12.57 -38.94
N CYS A 76 -28.61 -12.42 -38.33
CA CYS A 76 -29.90 -12.65 -38.99
C CYS A 76 -30.66 -11.34 -38.78
N THR A 77 -30.69 -10.45 -39.79
CA THR A 77 -31.36 -9.14 -39.68
C THR A 77 -32.62 -9.02 -40.55
N LYS A 78 -32.97 -10.04 -41.35
CA LYS A 78 -34.16 -10.02 -42.21
C LYS A 78 -35.35 -10.58 -41.42
N GLN A 79 -35.56 -10.04 -40.20
CA GLN A 79 -36.57 -10.46 -39.22
C GLN A 79 -36.27 -9.76 -37.88
N ARG A 80 -37.27 -9.65 -37.00
CA ARG A 80 -37.12 -9.04 -35.68
C ARG A 80 -37.66 -10.00 -34.62
N PRO A 81 -36.93 -10.24 -33.52
CA PRO A 81 -35.65 -9.68 -33.10
C PRO A 81 -34.46 -10.16 -33.95
N ILE A 82 -33.41 -9.31 -34.04
CA ILE A 82 -32.18 -9.63 -34.77
C ILE A 82 -31.48 -10.77 -34.01
N PHE A 83 -30.82 -11.71 -34.73
CA PHE A 83 -30.02 -12.76 -34.09
C PHE A 83 -28.56 -12.47 -34.35
N ILE A 84 -27.67 -12.74 -33.37
CA ILE A 84 -26.24 -12.67 -33.53
C ILE A 84 -25.75 -14.08 -33.27
N ILE A 85 -25.00 -14.67 -34.20
CA ILE A 85 -24.52 -16.05 -34.08
C ILE A 85 -23.05 -15.97 -33.75
N THR A 86 -22.62 -16.65 -32.67
CA THR A 86 -21.22 -16.65 -32.28
C THR A 86 -20.77 -18.03 -31.81
N GLU A 87 -19.47 -18.12 -31.55
CA GLU A 87 -18.81 -19.24 -30.92
C GLU A 87 -19.55 -19.55 -29.60
N TYR A 88 -19.79 -20.85 -29.36
CA TYR A 88 -20.46 -21.34 -28.14
C TYR A 88 -19.40 -21.46 -27.05
N MET A 89 -19.66 -20.88 -25.88
CA MET A 89 -18.73 -20.85 -24.75
C MET A 89 -19.43 -21.62 -23.63
N ALA A 90 -19.17 -22.93 -23.57
CA ALA A 90 -19.86 -23.87 -22.69
C ALA A 90 -19.83 -23.54 -21.20
N ASN A 91 -18.77 -22.89 -20.69
CA ASN A 91 -18.70 -22.56 -19.26
C ASN A 91 -19.25 -21.17 -18.92
N GLY A 92 -19.93 -20.48 -19.87
CA GLY A 92 -20.64 -19.23 -19.59
C GLY A 92 -19.74 -18.05 -19.21
N CYS A 93 -20.33 -17.06 -18.57
CA CYS A 93 -19.61 -15.83 -18.23
C CYS A 93 -18.56 -16.06 -17.16
N LEU A 94 -17.43 -15.38 -17.31
CA LEU A 94 -16.29 -15.51 -16.41
C LEU A 94 -16.69 -15.17 -14.98
N LEU A 95 -17.52 -14.12 -14.79
CA LEU A 95 -17.89 -13.73 -13.42
C LEU A 95 -18.54 -14.88 -12.64
N ASN A 96 -19.53 -15.57 -13.23
CA ASN A 96 -20.16 -16.72 -12.54
C ASN A 96 -19.22 -17.90 -12.38
N TYR A 97 -18.35 -18.12 -13.38
CA TYR A 97 -17.34 -19.18 -13.35
C TYR A 97 -16.37 -18.96 -12.16
N LEU A 98 -15.91 -17.72 -11.97
CA LEU A 98 -15.03 -17.42 -10.83
C LEU A 98 -15.70 -17.66 -9.49
N ARG A 99 -17.00 -17.38 -9.40
CA ARG A 99 -17.73 -17.51 -8.14
C ARG A 99 -18.09 -18.95 -7.73
N GLU A 100 -17.97 -19.92 -8.64
CA GLU A 100 -18.25 -21.32 -8.32
C GLU A 100 -17.06 -21.88 -7.54
N MET A 101 -17.20 -22.00 -6.21
CA MET A 101 -16.06 -22.44 -5.38
C MET A 101 -15.61 -23.89 -5.63
N ARG A 102 -16.46 -24.72 -6.28
CA ARG A 102 -16.13 -26.11 -6.60
C ARG A 102 -14.91 -26.22 -7.53
N HIS A 103 -14.61 -25.18 -8.35
CA HIS A 103 -13.44 -25.27 -9.25
C HIS A 103 -12.10 -25.35 -8.51
N ARG A 104 -12.00 -24.82 -7.27
CA ARG A 104 -10.78 -24.88 -6.45
C ARG A 104 -9.57 -24.50 -7.30
N PHE A 105 -9.67 -23.31 -7.94
CA PHE A 105 -8.64 -22.86 -8.85
C PHE A 105 -7.29 -22.75 -8.22
N GLN A 106 -6.25 -23.13 -8.98
CA GLN A 106 -4.87 -22.91 -8.61
C GLN A 106 -4.55 -21.50 -9.07
N THR A 107 -3.57 -20.83 -8.45
CA THR A 107 -3.19 -19.47 -8.90
C THR A 107 -2.63 -19.46 -10.34
N GLN A 108 -2.03 -20.59 -10.81
CA GLN A 108 -1.54 -20.69 -12.20
C GLN A 108 -2.72 -20.60 -13.17
N GLN A 109 -3.88 -21.18 -12.82
CA GLN A 109 -5.07 -21.07 -13.66
C GLN A 109 -5.58 -19.64 -13.69
N LEU A 110 -5.58 -18.95 -12.52
CA LEU A 110 -6.03 -17.55 -12.48
C LEU A 110 -5.12 -16.67 -13.37
N LEU A 111 -3.80 -16.88 -13.31
CA LEU A 111 -2.89 -16.08 -14.14
C LEU A 111 -3.12 -16.35 -15.65
N GLU A 112 -3.42 -17.61 -16.00
CA GLU A 112 -3.71 -17.98 -17.41
C GLU A 112 -4.96 -17.26 -17.89
N MET A 113 -5.98 -17.11 -17.03
CA MET A 113 -7.19 -16.35 -17.40
C MET A 113 -6.81 -14.91 -17.73
N CYS A 114 -5.94 -14.28 -16.90
CA CYS A 114 -5.47 -12.90 -17.13
C CYS A 114 -4.72 -12.83 -18.45
N LYS A 115 -3.85 -13.82 -18.69
CA LYS A 115 -3.07 -13.90 -19.93
C LYS A 115 -3.99 -13.97 -21.17
N ASP A 116 -5.02 -14.84 -21.13
CA ASP A 116 -6.00 -14.99 -22.23
C ASP A 116 -6.63 -13.64 -22.55
N VAL A 117 -7.11 -12.94 -21.51
CA VAL A 117 -7.73 -11.64 -21.72
C VAL A 117 -6.73 -10.64 -22.27
N CYS A 118 -5.52 -10.62 -21.71
CA CYS A 118 -4.50 -9.69 -22.16
C CYS A 118 -4.12 -9.90 -23.66
N GLU A 119 -4.09 -11.15 -24.12
CA GLU A 119 -3.80 -11.45 -25.53
C GLU A 119 -4.92 -10.88 -26.41
N ALA A 120 -6.18 -11.04 -26.00
CA ALA A 120 -7.32 -10.49 -26.74
C ALA A 120 -7.24 -8.97 -26.82
N MET A 121 -6.90 -8.32 -25.68
CA MET A 121 -6.82 -6.85 -25.63
C MET A 121 -5.64 -6.32 -26.40
N GLU A 122 -4.51 -7.02 -26.41
CA GLU A 122 -3.34 -6.61 -27.20
C GLU A 122 -3.74 -6.65 -28.70
N TYR A 123 -4.50 -7.65 -29.10
CA TYR A 123 -5.00 -7.76 -30.46
C TYR A 123 -5.93 -6.58 -30.78
N LEU A 124 -6.90 -6.28 -29.92
CA LEU A 124 -7.78 -5.13 -30.16
C LEU A 124 -6.99 -3.83 -30.17
N GLU A 125 -6.00 -3.70 -29.29
CA GLU A 125 -5.14 -2.50 -29.26
C GLU A 125 -4.35 -2.37 -30.58
N SER A 126 -3.91 -3.50 -31.18
CA SER A 126 -3.19 -3.50 -32.47
C SER A 126 -4.09 -3.03 -33.62
N LYS A 127 -5.43 -3.23 -33.49
CA LYS A 127 -6.41 -2.78 -34.48
C LYS A 127 -6.97 -1.40 -34.09
N GLN A 128 -6.38 -0.70 -33.07
CA GLN A 128 -6.85 0.59 -32.55
C GLN A 128 -8.35 0.52 -32.19
N PHE A 129 -8.78 -0.63 -31.66
CA PHE A 129 -10.18 -0.87 -31.32
C PHE A 129 -10.35 -0.86 -29.80
N LEU A 130 -11.14 0.06 -29.23
CA LEU A 130 -11.34 0.07 -27.77
C LEU A 130 -12.43 -0.91 -27.40
N HIS A 131 -12.30 -1.57 -26.23
CA HIS A 131 -13.38 -2.42 -25.75
C HIS A 131 -14.47 -1.50 -25.21
N ARG A 132 -14.12 -0.58 -24.29
CA ARG A 132 -14.98 0.43 -23.63
C ARG A 132 -15.80 -0.12 -22.43
N ASP A 133 -15.91 -1.45 -22.23
CA ASP A 133 -16.61 -1.97 -21.05
C ASP A 133 -16.00 -3.31 -20.61
N LEU A 134 -14.68 -3.38 -20.57
CA LEU A 134 -14.01 -4.62 -20.17
C LEU A 134 -14.26 -4.93 -18.70
N ALA A 135 -14.74 -6.16 -18.40
CA ALA A 135 -15.02 -6.59 -17.03
C ALA A 135 -15.29 -8.08 -17.05
N ALA A 136 -15.21 -8.78 -15.90
CA ALA A 136 -15.43 -10.23 -15.91
C ALA A 136 -16.82 -10.63 -16.38
N ARG A 137 -17.84 -9.78 -16.18
CA ARG A 137 -19.22 -10.07 -16.64
C ARG A 137 -19.33 -10.21 -18.20
N ASN A 138 -18.40 -9.58 -18.94
CA ASN A 138 -18.32 -9.60 -20.40
C ASN A 138 -17.39 -10.64 -20.98
N CYS A 139 -16.55 -11.31 -20.17
CA CYS A 139 -15.68 -12.37 -20.65
C CYS A 139 -16.45 -13.68 -20.54
N LEU A 140 -16.11 -14.64 -21.42
CA LEU A 140 -16.77 -15.95 -21.48
C LEU A 140 -15.75 -17.04 -21.41
N VAL A 141 -16.18 -18.25 -21.01
CA VAL A 141 -15.28 -19.38 -20.81
C VAL A 141 -15.73 -20.58 -21.62
N ASN A 142 -14.86 -21.15 -22.46
CA ASN A 142 -15.23 -22.31 -23.29
C ASN A 142 -15.08 -23.61 -22.49
N ASP A 143 -15.46 -24.76 -23.12
CA ASP A 143 -15.37 -26.10 -22.53
C ASP A 143 -13.96 -26.49 -22.04
N GLN A 144 -12.87 -25.93 -22.62
CA GLN A 144 -11.50 -26.21 -22.19
C GLN A 144 -11.01 -25.21 -21.10
N GLY A 145 -11.91 -24.37 -20.53
CA GLY A 145 -11.50 -23.37 -19.52
C GLY A 145 -10.74 -22.16 -20.12
N VAL A 146 -10.76 -21.95 -21.45
CA VAL A 146 -10.07 -20.81 -22.07
C VAL A 146 -10.98 -19.58 -21.93
N VAL A 147 -10.44 -18.45 -21.47
CA VAL A 147 -11.24 -17.23 -21.31
C VAL A 147 -11.15 -16.45 -22.62
N LYS A 148 -12.27 -15.91 -23.06
CA LYS A 148 -12.28 -15.07 -24.26
C LYS A 148 -13.08 -13.82 -24.02
N VAL A 149 -12.69 -12.75 -24.67
CA VAL A 149 -13.33 -11.44 -24.52
C VAL A 149 -14.50 -11.30 -25.49
N SER A 150 -15.61 -10.72 -25.01
CA SER A 150 -16.79 -10.43 -25.83
C SER A 150 -17.36 -9.05 -25.52
N ASP A 151 -18.34 -8.64 -26.34
CA ASP A 151 -19.04 -7.34 -26.24
C ASP A 151 -18.16 -6.11 -26.42
N PHE A 152 -17.00 -6.29 -27.05
CA PHE A 152 -16.06 -5.21 -27.34
C PHE A 152 -16.75 -4.16 -28.25
N GLY A 153 -16.71 -2.88 -27.83
CA GLY A 153 -17.29 -1.78 -28.57
C GLY A 153 -18.84 -1.66 -28.55
N LEU A 154 -19.58 -2.63 -27.97
CA LEU A 154 -21.05 -2.59 -28.00
C LEU A 154 -21.71 -1.54 -27.16
N SER A 155 -21.07 -1.04 -26.10
CA SER A 155 -21.67 0.02 -25.27
C SER A 155 -22.07 1.26 -26.12
N ARG A 156 -21.41 1.48 -27.27
CA ARG A 156 -21.71 2.60 -28.18
C ARG A 156 -23.08 2.56 -28.81
N TYR A 157 -23.70 1.37 -28.95
CA TYR A 157 -25.02 1.25 -29.58
C TYR A 157 -26.17 1.10 -28.55
N VAL A 158 -25.88 1.07 -27.22
CA VAL A 158 -26.87 0.92 -26.14
C VAL A 158 -27.68 2.21 -26.01
N LEU A 159 -29.00 2.12 -26.22
CA LEU A 159 -29.86 3.32 -26.16
C LEU A 159 -30.20 3.79 -24.74
N ASP A 160 -30.31 2.88 -23.76
CA ASP A 160 -30.66 3.26 -22.38
C ASP A 160 -29.58 4.15 -21.74
N ASP A 161 -29.95 5.40 -21.39
CA ASP A 161 -29.03 6.40 -20.82
C ASP A 161 -28.41 6.03 -19.46
N GLU A 162 -29.04 5.09 -18.71
CA GLU A 162 -28.52 4.64 -17.42
C GLU A 162 -27.16 3.92 -17.58
N TYR A 163 -26.86 3.30 -18.75
CA TYR A 163 -25.60 2.60 -19.03
C TYR A 163 -24.53 3.51 -19.66
N THR A 164 -24.96 4.52 -20.41
CA THR A 164 -24.13 5.36 -21.27
C THR A 164 -23.29 6.46 -20.62
N SER A 165 -23.86 7.22 -19.67
CA SER A 165 -23.17 8.35 -19.04
C SER A 165 -22.66 8.04 -17.63
N SER A 166 -21.58 8.73 -17.20
CA SER A 166 -20.91 8.56 -15.91
C SER A 166 -21.81 8.72 -14.69
N VAL A 167 -22.90 9.50 -14.80
CA VAL A 167 -23.85 9.72 -13.69
C VAL A 167 -24.94 8.63 -13.70
N GLY A 168 -25.00 7.80 -14.76
CA GLY A 168 -25.98 6.75 -14.94
C GLY A 168 -25.84 5.65 -13.90
N SER A 169 -26.97 5.04 -13.55
CA SER A 169 -27.04 3.98 -12.57
C SER A 169 -26.37 2.66 -12.99
N LYS A 170 -26.22 2.41 -14.31
CA LYS A 170 -25.61 1.18 -14.87
C LYS A 170 -24.24 1.41 -15.50
N PHE A 171 -23.65 2.62 -15.37
CA PHE A 171 -22.32 2.92 -15.93
C PHE A 171 -21.24 2.13 -15.14
N PRO A 172 -20.19 1.60 -15.81
CA PRO A 172 -19.15 0.83 -15.12
C PRO A 172 -18.17 1.71 -14.31
N VAL A 173 -18.69 2.38 -13.25
CA VAL A 173 -17.90 3.28 -12.41
C VAL A 173 -16.71 2.54 -11.81
N ARG A 174 -16.93 1.29 -11.33
CA ARG A 174 -15.90 0.51 -10.66
C ARG A 174 -14.77 0.02 -11.57
N TRP A 175 -14.93 0.14 -12.88
CA TRP A 175 -13.90 -0.26 -13.85
C TRP A 175 -13.33 0.96 -14.57
N SER A 176 -13.61 2.19 -14.10
CA SER A 176 -13.23 3.42 -14.78
C SER A 176 -12.11 4.22 -14.11
N PRO A 177 -11.17 4.76 -14.90
CA PRO A 177 -10.10 5.59 -14.35
C PRO A 177 -10.62 6.99 -14.01
N PRO A 178 -9.83 7.76 -13.21
CA PRO A 178 -10.23 9.11 -12.79
C PRO A 178 -10.62 10.02 -13.94
N GLU A 179 -9.85 10.03 -15.03
CA GLU A 179 -10.14 10.91 -16.18
C GLU A 179 -11.46 10.55 -16.88
N VAL A 180 -11.90 9.28 -16.77
CA VAL A 180 -13.21 8.91 -17.32
C VAL A 180 -14.28 9.46 -16.38
N LEU A 181 -14.13 9.21 -15.07
CA LEU A 181 -15.16 9.65 -14.10
C LEU A 181 -15.30 11.16 -14.04
N MET A 182 -14.19 11.88 -14.13
CA MET A 182 -14.23 13.34 -14.06
C MET A 182 -14.54 14.04 -15.39
N TYR A 183 -13.90 13.62 -16.49
CA TYR A 183 -14.00 14.32 -17.78
C TYR A 183 -14.53 13.55 -18.99
N SER A 184 -14.96 12.28 -18.83
CA SER A 184 -15.38 11.42 -19.96
C SER A 184 -14.22 11.26 -21.00
N LYS A 185 -12.97 11.21 -20.52
CA LYS A 185 -11.77 11.04 -21.36
C LYS A 185 -11.54 9.51 -21.57
N PHE A 186 -12.12 8.93 -22.63
CA PHE A 186 -11.91 7.52 -22.97
C PHE A 186 -10.69 7.37 -23.86
N SER A 187 -9.90 6.30 -23.66
CA SER A 187 -8.69 6.03 -24.48
C SER A 187 -8.27 4.59 -24.31
N SER A 188 -7.16 4.17 -24.95
CA SER A 188 -6.62 2.83 -24.73
C SER A 188 -6.26 2.66 -23.23
N LYS A 189 -5.84 3.76 -22.57
CA LYS A 189 -5.48 3.75 -21.15
C LYS A 189 -6.69 3.55 -20.21
N SER A 190 -7.93 3.81 -20.66
CA SER A 190 -9.10 3.53 -19.83
C SER A 190 -9.42 2.02 -19.94
N ASP A 191 -9.10 1.37 -21.09
CA ASP A 191 -9.21 -0.09 -21.19
C ASP A 191 -8.13 -0.74 -20.28
N ILE A 192 -6.93 -0.16 -20.24
CA ILE A 192 -5.82 -0.65 -19.38
C ILE A 192 -6.26 -0.63 -17.91
N TRP A 193 -6.83 0.48 -17.46
CA TRP A 193 -7.32 0.58 -16.07
C TRP A 193 -8.36 -0.56 -15.79
N ALA A 194 -9.35 -0.73 -16.69
CA ALA A 194 -10.40 -1.74 -16.56
C ALA A 194 -9.78 -3.16 -16.52
N PHE A 195 -8.72 -3.41 -17.33
CA PHE A 195 -8.01 -4.68 -17.31
C PHE A 195 -7.39 -4.93 -15.92
N GLY A 196 -6.77 -3.91 -15.28
CA GLY A 196 -6.23 -4.12 -13.92
C GLY A 196 -7.38 -4.52 -12.96
N VAL A 197 -8.55 -3.88 -13.10
CA VAL A 197 -9.71 -4.20 -12.26
C VAL A 197 -10.16 -5.63 -12.54
N LEU A 198 -10.15 -6.03 -13.81
CA LEU A 198 -10.51 -7.41 -14.18
C LEU A 198 -9.51 -8.41 -13.56
N MET A 199 -8.20 -8.10 -13.57
CA MET A 199 -7.24 -9.02 -12.90
C MET A 199 -7.61 -9.12 -11.40
N TRP A 200 -7.99 -8.01 -10.77
CA TRP A 200 -8.44 -8.01 -9.38
C TRP A 200 -9.67 -8.91 -9.20
N GLU A 201 -10.68 -8.81 -10.09
CA GLU A 201 -11.87 -9.68 -10.05
C GLU A 201 -11.46 -11.19 -10.12
N ILE A 202 -10.52 -11.52 -11.01
CA ILE A 202 -10.09 -12.92 -11.16
C ILE A 202 -9.42 -13.41 -9.88
N TYR A 203 -8.45 -12.64 -9.38
CA TYR A 203 -7.71 -13.04 -8.15
C TYR A 203 -8.56 -12.98 -6.88
N SER A 204 -9.70 -12.24 -6.91
CA SER A 204 -10.65 -12.17 -5.79
C SER A 204 -11.79 -13.20 -5.98
N LEU A 205 -11.68 -14.08 -6.96
CA LEU A 205 -12.71 -15.08 -7.25
C LEU A 205 -14.09 -14.44 -7.44
N GLY A 206 -14.12 -13.34 -8.18
CA GLY A 206 -15.38 -12.72 -8.57
C GLY A 206 -15.99 -11.77 -7.56
N LYS A 207 -15.23 -11.23 -6.59
CA LYS A 207 -15.83 -10.25 -5.71
C LYS A 207 -16.16 -8.98 -6.52
N MET A 208 -17.09 -8.19 -6.01
N MET A 208 -17.13 -8.18 -6.05
CA MET A 208 -17.43 -6.88 -6.58
CA MET A 208 -17.44 -6.89 -6.70
C MET A 208 -16.24 -5.95 -6.26
C MET A 208 -16.27 -5.97 -6.31
N PRO A 209 -15.67 -5.20 -7.25
CA PRO A 209 -14.57 -4.29 -6.87
C PRO A 209 -15.14 -3.20 -5.92
N TYR A 210 -14.39 -2.83 -4.84
CA TYR A 210 -14.84 -1.80 -3.89
C TYR A 210 -16.15 -2.29 -3.25
N GLU A 211 -16.23 -3.58 -2.90
CA GLU A 211 -17.46 -4.25 -2.46
C GLU A 211 -18.24 -3.60 -1.33
N ARG A 212 -17.58 -2.88 -0.44
CA ARG A 212 -18.30 -2.24 0.65
C ARG A 212 -18.59 -0.77 0.35
N PHE A 213 -18.37 -0.32 -0.92
CA PHE A 213 -18.66 1.05 -1.33
C PHE A 213 -19.79 1.10 -2.36
N THR A 214 -20.43 2.26 -2.44
CA THR A 214 -21.40 2.53 -3.50
C THR A 214 -20.54 3.05 -4.69
N ASN A 215 -21.19 3.26 -5.85
CA ASN A 215 -20.49 3.81 -7.03
C ASN A 215 -20.03 5.23 -6.71
N SER A 216 -20.89 6.00 -6.02
CA SER A 216 -20.54 7.37 -5.65
C SER A 216 -19.32 7.41 -4.71
N GLU A 217 -19.26 6.53 -3.71
CA GLU A 217 -18.11 6.50 -2.80
C GLU A 217 -16.87 6.00 -3.53
N THR A 218 -17.03 5.05 -4.47
CA THR A 218 -15.88 4.56 -5.25
C THR A 218 -15.27 5.72 -6.04
N ALA A 219 -16.12 6.49 -6.75
CA ALA A 219 -15.65 7.63 -7.55
C ALA A 219 -14.87 8.63 -6.65
N GLU A 220 -15.31 8.85 -5.38
CA GLU A 220 -14.59 9.74 -4.42
C GLU A 220 -13.24 9.13 -3.95
N HIS A 221 -13.22 7.82 -3.65
CA HIS A 221 -12.01 7.08 -3.22
C HIS A 221 -10.94 7.21 -4.31
N ILE A 222 -11.35 7.03 -5.58
CA ILE A 222 -10.44 7.12 -6.72
C ILE A 222 -9.90 8.54 -6.88
N ALA A 223 -10.76 9.56 -6.83
CA ALA A 223 -10.31 10.95 -6.97
C ALA A 223 -9.27 11.28 -5.86
N GLN A 224 -9.41 10.70 -4.63
CA GLN A 224 -8.44 10.88 -3.53
C GLN A 224 -7.15 10.06 -3.74
N GLY A 225 -7.03 9.27 -4.81
CA GLY A 225 -5.85 8.44 -5.06
C GLY A 225 -5.86 7.06 -4.43
N LEU A 226 -6.97 6.65 -3.92
CA LEU A 226 -6.96 5.37 -3.27
C LEU A 226 -7.33 4.30 -4.29
N ARG A 227 -6.94 3.08 -4.01
CA ARG A 227 -7.00 1.95 -4.95
C ARG A 227 -7.53 0.72 -4.28
N LEU A 228 -7.80 -0.30 -5.09
CA LEU A 228 -8.14 -1.63 -4.62
C LEU A 228 -6.84 -2.16 -4.01
N TYR A 229 -6.94 -3.07 -3.05
CA TYR A 229 -5.72 -3.59 -2.46
C TYR A 229 -5.60 -5.05 -2.81
N ARG A 230 -4.44 -5.63 -2.49
CA ARG A 230 -4.04 -6.94 -2.97
C ARG A 230 -4.99 -8.09 -2.58
N PRO A 231 -5.54 -8.84 -3.57
CA PRO A 231 -6.34 -10.02 -3.24
C PRO A 231 -5.43 -11.06 -2.58
N HIS A 232 -5.97 -11.85 -1.66
CA HIS A 232 -5.15 -12.86 -0.97
C HIS A 232 -4.41 -13.83 -1.90
N LEU A 233 -5.05 -14.24 -3.00
CA LEU A 233 -4.43 -15.18 -3.97
C LEU A 233 -3.40 -14.57 -4.91
N ALA A 234 -3.26 -13.24 -4.95
CA ALA A 234 -2.30 -12.59 -5.82
C ALA A 234 -0.94 -12.49 -5.12
N SER A 235 0.13 -12.96 -5.78
CA SER A 235 1.50 -12.81 -5.28
C SER A 235 1.89 -11.32 -5.41
N GLU A 236 2.99 -10.95 -4.81
CA GLU A 236 3.48 -9.56 -4.89
C GLU A 236 3.74 -9.17 -6.37
N LYS A 237 4.32 -10.08 -7.17
CA LYS A 237 4.58 -9.78 -8.58
C LYS A 237 3.28 -9.61 -9.40
N VAL A 238 2.28 -10.47 -9.15
CA VAL A 238 0.97 -10.33 -9.81
C VAL A 238 0.29 -9.00 -9.39
N TYR A 239 0.37 -8.66 -8.10
CA TYR A 239 -0.23 -7.42 -7.61
C TYR A 239 0.44 -6.17 -8.26
N THR A 240 1.77 -6.22 -8.48
CA THR A 240 2.49 -5.14 -9.14
C THR A 240 1.95 -4.92 -10.55
N ILE A 241 1.62 -6.00 -11.27
CA ILE A 241 1.06 -5.90 -12.62
C ILE A 241 -0.29 -5.20 -12.58
N MET A 242 -1.25 -5.69 -11.76
CA MET A 242 -2.57 -5.04 -11.74
C MET A 242 -2.49 -3.60 -11.26
N TYR A 243 -1.62 -3.31 -10.27
CA TYR A 243 -1.44 -1.97 -9.72
C TYR A 243 -0.89 -0.99 -10.75
N SER A 244 0.01 -1.45 -11.66
CA SER A 244 0.58 -0.62 -12.75
C SER A 244 -0.51 -0.06 -13.69
N CYS A 245 -1.65 -0.78 -13.82
CA CYS A 245 -2.78 -0.33 -14.64
C CYS A 245 -3.50 0.88 -14.02
N TRP A 246 -3.29 1.16 -12.72
CA TRP A 246 -4.04 2.21 -12.04
C TRP A 246 -3.25 3.46 -11.76
N HIS A 247 -2.18 3.72 -12.52
CA HIS A 247 -1.44 4.95 -12.30
C HIS A 247 -2.41 6.15 -12.52
N GLU A 248 -2.29 7.18 -11.69
CA GLU A 248 -3.16 8.36 -11.80
C GLU A 248 -3.00 8.99 -13.19
N LYS A 249 -1.77 9.04 -13.73
CA LYS A 249 -1.49 9.63 -15.04
C LYS A 249 -1.66 8.54 -16.08
N ALA A 250 -2.60 8.72 -17.01
CA ALA A 250 -2.89 7.73 -18.05
C ALA A 250 -1.66 7.34 -18.90
N ASP A 251 -0.79 8.33 -19.26
CA ASP A 251 0.39 8.04 -20.08
C ASP A 251 1.45 7.21 -19.34
N GLU A 252 1.36 7.08 -18.00
CA GLU A 252 2.28 6.25 -17.21
C GLU A 252 1.78 4.81 -17.10
N ARG A 253 0.55 4.52 -17.55
CA ARG A 253 0.04 3.14 -17.51
C ARG A 253 0.68 2.35 -18.67
N PRO A 254 0.93 1.05 -18.51
CA PRO A 254 1.55 0.28 -19.59
C PRO A 254 0.56 0.04 -20.76
N THR A 255 1.06 -0.53 -21.86
CA THR A 255 0.26 -0.94 -23.01
C THR A 255 -0.10 -2.43 -22.77
N PHE A 256 -0.99 -3.00 -23.58
CA PHE A 256 -1.34 -4.43 -23.43
C PHE A 256 -0.15 -5.32 -23.84
N LYS A 257 0.69 -4.83 -24.77
CA LYS A 257 1.90 -5.57 -25.17
C LYS A 257 2.87 -5.70 -23.97
N ILE A 258 3.08 -4.61 -23.22
CA ILE A 258 3.93 -4.61 -22.03
C ILE A 258 3.29 -5.48 -20.93
N LEU A 259 1.97 -5.35 -20.72
CA LEU A 259 1.30 -6.21 -19.72
C LEU A 259 1.43 -7.69 -20.09
N LEU A 260 1.30 -8.03 -21.38
CA LEU A 260 1.44 -9.42 -21.80
C LEU A 260 2.85 -9.95 -21.49
N SER A 261 3.90 -9.17 -21.79
N SER A 261 3.89 -9.17 -21.80
CA SER A 261 5.27 -9.55 -21.50
CA SER A 261 5.27 -9.57 -21.52
C SER A 261 5.48 -9.78 -19.99
C SER A 261 5.52 -9.75 -20.00
N ASN A 262 4.90 -8.89 -19.15
CA ASN A 262 5.02 -9.03 -17.68
C ASN A 262 4.30 -10.30 -17.19
N ILE A 263 3.07 -10.59 -17.69
CA ILE A 263 2.29 -11.78 -17.28
C ILE A 263 3.09 -13.05 -17.66
N LEU A 264 3.63 -13.08 -18.90
CA LEU A 264 4.44 -14.24 -19.32
C LEU A 264 5.70 -14.42 -18.45
N ASP A 265 6.34 -13.32 -18.05
CA ASP A 265 7.51 -13.36 -17.16
C ASP A 265 7.14 -13.99 -15.81
N VAL A 266 5.97 -13.58 -15.22
CA VAL A 266 5.51 -14.14 -13.94
C VAL A 266 5.15 -15.62 -14.10
N MET A 267 4.49 -15.99 -15.20
CA MET A 267 4.14 -17.39 -15.44
C MET A 267 5.41 -18.25 -15.51
N ASP A 268 6.48 -17.74 -16.15
CA ASP A 268 7.74 -18.47 -16.25
C ASP A 268 8.46 -18.55 -14.89
N GLU A 269 8.30 -17.52 -14.05
CA GLU A 269 8.93 -17.45 -12.72
C GLU A 269 8.17 -18.22 -11.64
N GLU A 270 6.84 -18.14 -11.63
CA GLU A 270 5.99 -18.73 -10.58
C GLU A 270 5.21 -20.00 -11.01
N SER A 271 5.46 -20.52 -12.23
CA SER A 271 4.80 -21.74 -12.73
CA GLY B 5 -4.65 -12.08 14.89
C GLY B 5 -4.82 -10.60 15.23
N SER B 6 -4.85 -10.25 16.54
CA SER B 6 -5.00 -8.86 16.98
C SER B 6 -3.67 -8.11 16.80
N TRP B 7 -2.56 -8.79 17.12
CA TRP B 7 -1.20 -8.26 16.99
C TRP B 7 -0.63 -8.55 15.59
N GLU B 8 -1.07 -9.66 14.93
CA GLU B 8 -0.60 -9.98 13.58
C GLU B 8 -1.36 -9.20 12.52
N ILE B 9 -0.62 -8.58 11.60
CA ILE B 9 -1.21 -7.88 10.46
C ILE B 9 -1.05 -8.84 9.28
N ASP B 10 -2.07 -8.97 8.41
CA ASP B 10 -1.93 -9.81 7.21
C ASP B 10 -1.05 -8.98 6.24
N PRO B 11 0.15 -9.47 5.84
CA PRO B 11 0.98 -8.67 4.92
C PRO B 11 0.32 -8.39 3.56
N LYS B 12 -0.72 -9.15 3.19
CA LYS B 12 -1.45 -8.93 1.93
C LYS B 12 -2.30 -7.68 2.02
N ASP B 13 -2.54 -7.17 3.24
CA ASP B 13 -3.28 -5.91 3.39
C ASP B 13 -2.36 -4.70 3.15
N LEU B 14 -1.04 -4.88 2.94
CA LEU B 14 -0.11 -3.77 2.74
C LEU B 14 0.15 -3.45 1.29
N THR B 15 0.19 -2.16 0.97
CA THR B 15 0.53 -1.67 -0.35
C THR B 15 1.77 -0.80 -0.15
N PHE B 16 2.91 -1.14 -0.78
CA PHE B 16 4.17 -0.39 -0.64
C PHE B 16 4.22 0.74 -1.67
N LEU B 17 4.37 1.99 -1.21
CA LEU B 17 4.37 3.17 -2.08
C LEU B 17 5.70 3.88 -2.26
N LYS B 18 6.54 3.95 -1.22
CA LYS B 18 7.79 4.70 -1.31
C LYS B 18 8.83 4.18 -0.34
N GLU B 19 10.10 4.23 -0.76
CA GLU B 19 11.25 3.85 0.06
C GLU B 19 11.63 5.05 0.96
N LEU B 20 11.65 4.87 2.29
CA LEU B 20 12.02 5.94 3.23
C LEU B 20 13.50 5.95 3.62
N GLY B 21 14.23 4.87 3.35
CA GLY B 21 15.65 4.75 3.64
C GLY B 21 15.92 3.62 4.61
N THR B 22 17.17 3.51 5.05
CA THR B 22 17.60 2.48 5.98
C THR B 22 17.65 3.08 7.37
N GLY B 23 16.81 2.58 8.28
CA GLY B 23 16.78 3.02 9.66
C GLY B 23 17.53 2.00 10.50
N GLN B 24 17.46 2.11 11.83
CA GLN B 24 18.15 1.16 12.70
C GLN B 24 17.51 -0.23 12.56
N PHE B 25 18.32 -1.21 12.11
CA PHE B 25 17.95 -2.63 11.96
C PHE B 25 16.89 -2.90 10.89
N GLY B 26 16.99 -2.25 9.72
CA GLY B 26 16.06 -2.54 8.63
C GLY B 26 15.71 -1.39 7.69
N VAL B 27 15.19 -1.79 6.52
CA VAL B 27 14.70 -0.87 5.48
C VAL B 27 13.25 -0.46 5.87
N VAL B 28 12.89 0.81 5.66
CA VAL B 28 11.54 1.29 5.98
C VAL B 28 10.88 1.79 4.71
N LYS B 29 9.57 1.51 4.56
CA LYS B 29 8.77 1.97 3.42
C LYS B 29 7.52 2.67 3.90
N TYR B 30 7.05 3.64 3.10
CA TYR B 30 5.78 4.29 3.33
C TYR B 30 4.79 3.43 2.51
N GLY B 31 3.58 3.25 3.04
CA GLY B 31 2.56 2.45 2.37
C GLY B 31 1.19 2.70 2.95
N LYS B 32 0.23 1.89 2.50
CA LYS B 32 -1.16 1.97 2.94
C LYS B 32 -1.55 0.63 3.51
N TRP B 33 -2.50 0.62 4.43
CA TRP B 33 -3.04 -0.62 5.00
C TRP B 33 -4.48 -0.67 4.50
N ARG B 34 -4.88 -1.79 3.89
CA ARG B 34 -6.22 -1.99 3.30
C ARG B 34 -6.60 -0.84 2.37
N GLY B 35 -5.63 -0.46 1.51
CA GLY B 35 -5.73 0.60 0.48
C GLY B 35 -6.23 1.98 0.94
N GLN B 36 -6.09 2.34 2.21
CA GLN B 36 -6.61 3.63 2.70
C GLN B 36 -5.80 4.33 3.84
N TYR B 37 -5.32 3.59 4.84
CA TYR B 37 -4.62 4.19 5.98
C TYR B 37 -3.12 4.23 5.82
N ASP B 38 -2.52 5.43 5.98
CA ASP B 38 -1.06 5.61 5.89
C ASP B 38 -0.36 4.81 6.99
N VAL B 39 0.72 4.10 6.64
CA VAL B 39 1.54 3.36 7.61
C VAL B 39 3.00 3.38 7.15
N ALA B 40 3.92 3.13 8.09
CA ALA B 40 5.33 2.94 7.80
C ALA B 40 5.52 1.44 8.02
N ILE B 41 6.33 0.78 7.18
CA ILE B 41 6.60 -0.66 7.29
C ILE B 41 8.10 -0.85 7.41
N LYS B 42 8.57 -1.38 8.53
CA LYS B 42 9.99 -1.66 8.71
C LYS B 42 10.22 -3.15 8.48
N MET B 43 11.22 -3.51 7.67
CA MET B 43 11.59 -4.92 7.40
C MET B 43 12.85 -5.23 8.20
N ILE B 44 12.74 -6.08 9.23
CA ILE B 44 13.88 -6.38 10.12
C ILE B 44 14.94 -7.20 9.41
N LYS B 45 16.20 -6.71 9.37
CA LYS B 45 17.36 -7.40 8.75
C LYS B 45 17.50 -8.78 9.39
N GLU B 46 17.61 -9.84 8.57
CA GLU B 46 17.75 -11.21 9.10
C GLU B 46 19.10 -11.39 9.81
N GLY B 47 19.09 -12.08 10.97
CA GLY B 47 20.30 -12.31 11.77
C GLY B 47 20.69 -11.11 12.66
N SER B 48 19.91 -10.00 12.65
CA SER B 48 20.21 -8.82 13.45
C SER B 48 19.45 -8.81 14.79
N MET B 49 18.34 -9.55 14.91
CA MET B 49 17.50 -9.53 16.10
C MET B 49 17.38 -10.92 16.75
N SER B 50 17.18 -10.95 18.09
CA SER B 50 16.93 -12.18 18.86
C SER B 50 15.43 -12.33 18.72
N GLU B 51 15.04 -12.92 17.59
CA GLU B 51 13.67 -12.99 17.11
C GLU B 51 12.64 -13.51 18.11
N ASP B 52 12.88 -14.66 18.79
CA ASP B 52 11.91 -15.19 19.76
C ASP B 52 11.67 -14.24 20.92
N GLU B 53 12.76 -13.69 21.50
CA GLU B 53 12.65 -12.72 22.60
C GLU B 53 12.00 -11.43 22.11
N PHE B 54 12.41 -10.98 20.90
CA PHE B 54 11.88 -9.76 20.28
C PHE B 54 10.38 -9.87 20.06
N ILE B 55 9.94 -10.98 19.45
CA ILE B 55 8.52 -11.23 19.18
C ILE B 55 7.72 -11.31 20.49
N GLU B 56 8.29 -11.92 21.55
CA GLU B 56 7.63 -12.01 22.86
C GLU B 56 7.42 -10.60 23.47
N GLU B 57 8.42 -9.71 23.37
CA GLU B 57 8.30 -8.37 23.90
C GLU B 57 7.41 -7.49 23.02
N ALA B 58 7.49 -7.63 21.68
CA ALA B 58 6.66 -6.84 20.76
C ALA B 58 5.16 -6.95 21.07
N LYS B 59 4.71 -8.12 21.57
CA LYS B 59 3.32 -8.35 21.99
C LYS B 59 3.02 -7.46 23.18
N VAL B 60 3.95 -7.41 24.14
CA VAL B 60 3.77 -6.61 25.35
C VAL B 60 3.80 -5.10 25.00
N MET B 61 4.70 -4.67 24.09
CA MET B 61 4.83 -3.27 23.67
C MET B 61 3.61 -2.76 22.88
N MET B 62 2.78 -3.65 22.29
CA MET B 62 1.52 -3.27 21.63
C MET B 62 0.57 -2.58 22.62
N ASN B 63 0.71 -2.90 23.92
CA ASN B 63 -0.11 -2.34 24.99
C ASN B 63 0.36 -0.94 25.42
N LEU B 64 1.61 -0.51 25.06
CA LEU B 64 2.10 0.83 25.40
C LEU B 64 1.53 1.80 24.38
N SER B 65 0.78 2.81 24.83
CA SER B 65 0.21 3.79 23.92
C SER B 65 0.24 5.18 24.55
N HIS B 66 0.72 6.16 23.78
CA HIS B 66 0.79 7.54 24.23
C HIS B 66 0.86 8.41 23.00
N GLU B 67 0.31 9.62 23.06
CA GLU B 67 0.34 10.53 21.92
C GLU B 67 1.77 10.86 21.45
N LYS B 68 2.78 10.81 22.36
CA LYS B 68 4.17 11.14 21.99
C LYS B 68 5.06 9.90 21.81
N LEU B 69 4.46 8.70 21.67
CA LEU B 69 5.19 7.49 21.31
C LEU B 69 4.71 7.13 19.91
N VAL B 70 5.61 6.77 19.01
CA VAL B 70 5.21 6.37 17.65
C VAL B 70 4.29 5.12 17.82
N GLN B 71 3.06 5.18 17.29
CA GLN B 71 2.11 4.10 17.51
C GLN B 71 2.47 2.84 16.75
N LEU B 72 2.51 1.72 17.47
CA LEU B 72 2.73 0.43 16.86
C LEU B 72 1.35 -0.06 16.39
N TYR B 73 1.26 -0.54 15.15
CA TYR B 73 0.00 -1.07 14.64
C TYR B 73 -0.05 -2.59 14.64
N GLY B 74 1.05 -3.25 14.37
CA GLY B 74 1.10 -4.71 14.40
C GLY B 74 2.40 -5.18 13.82
N VAL B 75 2.58 -6.50 13.75
CA VAL B 75 3.78 -7.16 13.20
C VAL B 75 3.38 -8.26 12.18
N CYS B 76 4.29 -8.63 11.29
CA CYS B 76 4.12 -9.71 10.31
C CYS B 76 5.28 -10.66 10.58
N THR B 77 5.03 -11.77 11.29
CA THR B 77 6.09 -12.74 11.64
C THR B 77 5.93 -14.11 10.95
N LYS B 78 4.87 -14.33 10.16
CA LYS B 78 4.65 -15.61 9.45
C LYS B 78 5.32 -15.53 8.08
N GLN B 79 6.61 -15.13 8.07
CA GLN B 79 7.44 -14.90 6.89
C GLN B 79 8.74 -14.20 7.32
N ARG B 80 9.78 -14.27 6.50
CA ARG B 80 11.07 -13.64 6.79
C ARG B 80 11.47 -12.81 5.56
N PRO B 81 11.92 -11.53 5.75
CA PRO B 81 12.13 -10.80 7.00
C PRO B 81 10.84 -10.40 7.73
N ILE B 82 10.91 -10.21 9.07
CA ILE B 82 9.77 -9.79 9.89
C ILE B 82 9.43 -8.32 9.52
N PHE B 83 8.13 -7.95 9.52
CA PHE B 83 7.72 -6.56 9.29
C PHE B 83 7.15 -5.98 10.59
N ILE B 84 7.38 -4.67 10.83
CA ILE B 84 6.79 -3.93 11.95
C ILE B 84 5.97 -2.83 11.30
N ILE B 85 4.68 -2.72 11.61
CA ILE B 85 3.81 -1.71 11.02
C ILE B 85 3.58 -0.66 12.07
N THR B 86 3.84 0.62 11.74
CA THR B 86 3.65 1.69 12.71
C THR B 86 3.07 2.93 12.04
N GLU B 87 2.77 3.91 12.88
CA GLU B 87 2.37 5.24 12.51
C GLU B 87 3.42 5.81 11.54
N TYR B 88 2.95 6.44 10.45
CA TYR B 88 3.82 7.06 9.45
C TYR B 88 4.20 8.45 9.96
N MET B 89 5.49 8.77 9.98
CA MET B 89 6.03 10.02 10.52
C MET B 89 6.66 10.73 9.32
N ALA B 90 5.86 11.57 8.65
CA ALA B 90 6.21 12.19 7.38
C ALA B 90 7.49 13.03 7.37
N ASN B 91 7.88 13.65 8.52
CA ASN B 91 9.11 14.46 8.54
C ASN B 91 10.36 13.68 8.98
N GLY B 92 10.28 12.33 9.09
CA GLY B 92 11.44 11.49 9.34
C GLY B 92 12.10 11.67 10.69
N CYS B 93 13.36 11.25 10.80
CA CYS B 93 14.07 11.28 12.07
C CYS B 93 14.38 12.70 12.52
N LEU B 94 14.28 12.90 13.82
CA LEU B 94 14.50 14.21 14.44
C LEU B 94 15.90 14.74 14.13
N LEU B 95 16.92 13.86 14.16
CA LEU B 95 18.28 14.32 13.90
C LEU B 95 18.42 15.04 12.53
N ASN B 96 17.92 14.43 11.45
CA ASN B 96 17.98 15.08 10.12
C ASN B 96 17.10 16.31 10.05
N TYR B 97 15.95 16.28 10.72
CA TYR B 97 15.01 17.42 10.77
C TYR B 97 15.71 18.64 11.44
N LEU B 98 16.41 18.42 12.55
CA LEU B 98 17.15 19.51 13.21
C LEU B 98 18.23 20.11 12.33
N ARG B 99 18.89 19.28 11.53
CA ARG B 99 19.99 19.73 10.69
C ARG B 99 19.57 20.51 9.43
N GLU B 100 18.29 20.47 9.05
CA GLU B 100 17.81 21.21 7.87
C GLU B 100 17.67 22.69 8.27
N MET B 101 18.64 23.53 7.87
CA MET B 101 18.64 24.93 8.28
C MET B 101 17.45 25.75 7.71
N ARG B 102 16.76 25.25 6.66
CA ARG B 102 15.60 25.92 6.08
C ARG B 102 14.45 26.09 7.07
N HIS B 103 14.34 25.21 8.10
CA HIS B 103 13.24 25.35 9.09
C HIS B 103 13.30 26.66 9.91
N ARG B 104 14.51 27.24 10.10
CA ARG B 104 14.68 28.52 10.83
C ARG B 104 13.89 28.47 12.12
N PHE B 105 14.13 27.42 12.92
CA PHE B 105 13.37 27.19 14.14
C PHE B 105 13.44 28.34 15.11
N GLN B 106 12.31 28.64 15.76
CA GLN B 106 12.25 29.56 16.88
C GLN B 106 12.62 28.75 18.11
N THR B 107 13.14 29.37 19.17
CA THR B 107 13.48 28.62 20.40
C THR B 107 12.23 28.00 21.05
N GLN B 108 11.02 28.64 20.86
CA GLN B 108 9.76 28.06 21.38
C GLN B 108 9.48 26.72 20.73
N GLN B 109 9.81 26.55 19.42
CA GLN B 109 9.63 25.25 18.75
C GLN B 109 10.61 24.23 19.31
N LEU B 110 11.87 24.64 19.55
CA LEU B 110 12.86 23.71 20.11
C LEU B 110 12.40 23.23 21.52
N LEU B 111 11.90 24.14 22.35
CA LEU B 111 11.43 23.74 23.71
C LEU B 111 10.23 22.78 23.60
N GLU B 112 9.33 23.01 22.63
CA GLU B 112 8.16 22.12 22.36
C GLU B 112 8.64 20.69 21.98
N MET B 113 9.72 20.58 21.20
CA MET B 113 10.28 19.28 20.84
C MET B 113 10.75 18.56 22.12
N CYS B 114 11.44 19.29 23.04
CA CYS B 114 11.91 18.73 24.32
C CYS B 114 10.70 18.27 25.15
N LYS B 115 9.63 19.08 25.16
CA LYS B 115 8.40 18.77 25.93
C LYS B 115 7.77 17.48 25.41
N ASP B 116 7.65 17.37 24.07
CA ASP B 116 7.08 16.16 23.43
C ASP B 116 7.84 14.93 23.90
N VAL B 117 9.16 14.97 23.80
CA VAL B 117 9.96 13.82 24.22
C VAL B 117 9.82 13.57 25.73
N CYS B 118 9.86 14.61 26.55
CA CYS B 118 9.73 14.46 28.00
C CYS B 118 8.37 13.82 28.40
N GLU B 119 7.29 14.17 27.69
CA GLU B 119 5.97 13.58 27.97
C GLU B 119 6.00 12.08 27.66
N ALA B 120 6.65 11.69 26.54
CA ALA B 120 6.78 10.27 26.16
C ALA B 120 7.58 9.52 27.22
N MET B 121 8.68 10.12 27.69
CA MET B 121 9.55 9.47 28.69
C MET B 121 8.90 9.40 30.07
N GLU B 122 8.13 10.41 30.44
CA GLU B 122 7.39 10.37 31.72
C GLU B 122 6.38 9.20 31.66
N TYR B 123 5.74 9.00 30.51
CA TYR B 123 4.82 7.88 30.31
C TYR B 123 5.57 6.55 30.42
N LEU B 124 6.72 6.39 29.75
CA LEU B 124 7.49 5.15 29.88
C LEU B 124 7.97 4.97 31.31
N GLU B 125 8.39 6.04 31.99
CA GLU B 125 8.82 5.96 33.38
C GLU B 125 7.64 5.51 34.28
N SER B 126 6.41 5.95 33.98
CA SER B 126 5.20 5.54 34.75
C SER B 126 4.90 4.05 34.58
N LYS B 127 5.33 3.44 33.44
CA LYS B 127 5.17 2.01 33.18
C LYS B 127 6.44 1.25 33.59
N GLN B 128 7.42 1.90 34.30
CA GLN B 128 8.71 1.32 34.70
C GLN B 128 9.44 0.72 33.49
N PHE B 129 9.30 1.37 32.32
CA PHE B 129 9.88 0.89 31.06
C PHE B 129 11.06 1.76 30.67
N LEU B 130 12.29 1.20 30.58
CA LEU B 130 13.44 2.02 30.18
C LEU B 130 13.50 2.10 28.66
N HIS B 131 13.95 3.24 28.12
CA HIS B 131 14.15 3.36 26.68
C HIS B 131 15.46 2.61 26.35
N ARG B 132 16.56 2.93 27.05
CA ARG B 132 17.91 2.34 26.93
C ARG B 132 18.74 2.90 25.74
N ASP B 133 18.15 3.65 24.80
CA ASP B 133 18.93 4.25 23.70
C ASP B 133 18.30 5.56 23.23
N LEU B 134 17.86 6.40 24.16
CA LEU B 134 17.23 7.66 23.81
C LEU B 134 18.22 8.63 23.15
N ALA B 135 17.89 9.14 21.96
CA ALA B 135 18.76 10.07 21.23
C ALA B 135 17.96 10.64 20.07
N ALA B 136 18.39 11.78 19.51
CA ALA B 136 17.63 12.39 18.41
C ALA B 136 17.51 11.48 17.18
N ARG B 137 18.49 10.58 16.94
CA ARG B 137 18.43 9.64 15.80
C ARG B 137 17.23 8.65 15.88
N ASN B 138 16.73 8.38 17.11
CA ASN B 138 15.60 7.49 17.40
C ASN B 138 14.26 8.19 17.52
N CYS B 139 14.21 9.53 17.59
CA CYS B 139 12.94 10.25 17.63
C CYS B 139 12.52 10.54 16.19
N LEU B 140 11.21 10.64 15.97
CA LEU B 140 10.63 10.87 14.64
C LEU B 140 9.71 12.05 14.67
N VAL B 141 9.47 12.66 13.49
CA VAL B 141 8.66 13.88 13.42
C VAL B 141 7.51 13.67 12.43
N ASN B 142 6.26 13.93 12.85
CA ASN B 142 5.11 13.73 11.95
C ASN B 142 4.89 14.98 11.08
N ASP B 143 3.89 14.92 10.18
CA ASP B 143 3.54 16.02 9.27
C ASP B 143 3.19 17.36 9.99
N GLN B 144 2.72 17.32 11.24
CA GLN B 144 2.42 18.54 12.02
C GLN B 144 3.65 19.04 12.85
N GLY B 145 4.87 18.47 12.64
CA GLY B 145 6.05 18.87 13.41
C GLY B 145 6.06 18.31 14.87
N VAL B 146 5.18 17.34 15.20
CA VAL B 146 5.16 16.79 16.57
C VAL B 146 6.29 15.74 16.67
N VAL B 147 7.11 15.80 17.73
CA VAL B 147 8.19 14.83 17.90
C VAL B 147 7.64 13.65 18.70
N LYS B 148 7.99 12.44 18.28
CA LYS B 148 7.58 11.25 19.04
C LYS B 148 8.76 10.31 19.20
N VAL B 149 8.75 9.59 20.30
CA VAL B 149 9.83 8.67 20.65
C VAL B 149 9.56 7.29 20.03
N SER B 150 10.63 6.67 19.52
CA SER B 150 10.56 5.31 18.96
C SER B 150 11.77 4.49 19.39
N ASP B 151 11.73 3.19 19.07
CA ASP B 151 12.78 2.18 19.37
C ASP B 151 13.07 1.98 20.84
N PHE B 152 12.12 2.35 21.71
CA PHE B 152 12.23 2.16 23.15
C PHE B 152 12.38 0.65 23.47
N GLY B 153 13.40 0.31 24.26
CA GLY B 153 13.67 -1.06 24.67
C GLY B 153 14.24 -2.01 23.58
N LEU B 154 14.36 -1.60 22.30
CA LEU B 154 14.82 -2.51 21.24
C LEU B 154 16.28 -2.89 21.27
N SER B 155 17.16 -2.07 21.88
CA SER B 155 18.58 -2.43 21.98
C SER B 155 18.77 -3.81 22.66
N ARG B 156 17.78 -4.26 23.48
CA ARG B 156 17.80 -5.57 24.16
C ARG B 156 17.78 -6.78 23.23
N TYR B 157 17.24 -6.65 22.02
CA TYR B 157 17.15 -7.79 21.08
C TYR B 157 18.16 -7.72 19.98
N VAL B 158 19.08 -6.73 20.00
CA VAL B 158 20.15 -6.59 19.00
C VAL B 158 21.26 -7.64 19.26
N LEU B 159 21.49 -8.54 18.30
CA LEU B 159 22.51 -9.59 18.48
C LEU B 159 23.96 -9.12 18.30
N ASP B 160 24.23 -8.14 17.42
CA ASP B 160 25.60 -7.66 17.17
C ASP B 160 26.20 -7.03 18.43
N ASP B 161 27.30 -7.63 18.95
CA ASP B 161 27.97 -7.20 20.18
C ASP B 161 28.57 -5.78 20.11
N GLU B 162 28.80 -5.21 18.92
CA GLU B 162 29.34 -3.86 18.82
C GLU B 162 28.33 -2.78 19.28
N TYR B 163 27.01 -3.08 19.25
CA TYR B 163 25.97 -2.15 19.74
C TYR B 163 25.64 -2.35 21.23
N THR B 164 25.82 -3.58 21.72
CA THR B 164 25.36 -4.02 23.05
C THR B 164 26.19 -3.63 24.27
N SER B 165 27.53 -3.74 24.20
CA SER B 165 28.41 -3.48 25.33
C SER B 165 29.14 -2.15 25.21
N SER B 166 29.48 -1.57 26.37
CA SER B 166 30.15 -0.28 26.52
C SER B 166 31.49 -0.14 25.75
N VAL B 167 32.19 -1.26 25.46
CA VAL B 167 33.46 -1.26 24.70
C VAL B 167 33.16 -1.39 23.18
N GLY B 168 31.90 -1.74 22.80
CA GLY B 168 31.48 -1.90 21.41
C GLY B 168 31.56 -0.61 20.62
N SER B 169 31.85 -0.74 19.32
CA SER B 169 32.02 0.36 18.38
C SER B 169 30.71 1.14 18.04
N LYS B 170 29.52 0.56 18.28
CA LYS B 170 28.23 1.22 17.99
C LYS B 170 27.42 1.51 19.28
N PHE B 171 28.03 1.35 20.48
CA PHE B 171 27.35 1.65 21.73
C PHE B 171 27.13 3.18 21.86
N PRO B 172 26.00 3.65 22.45
CA PRO B 172 25.75 5.11 22.59
C PRO B 172 26.55 5.75 23.72
N VAL B 173 27.89 5.76 23.57
CA VAL B 173 28.80 6.32 24.56
C VAL B 173 28.46 7.78 24.87
N ARG B 174 28.18 8.57 23.83
CA ARG B 174 27.92 10.01 23.99
C ARG B 174 26.61 10.34 24.69
N TRP B 175 25.73 9.37 24.88
CA TRP B 175 24.43 9.58 25.56
C TRP B 175 24.42 8.82 26.90
N SER B 176 25.58 8.35 27.39
CA SER B 176 25.66 7.52 28.60
C SER B 176 26.30 8.21 29.80
N PRO B 177 25.72 7.99 31.00
CA PRO B 177 26.28 8.56 32.22
C PRO B 177 27.53 7.78 32.68
N PRO B 178 28.31 8.37 33.58
CA PRO B 178 29.55 7.73 34.07
C PRO B 178 29.36 6.30 34.61
N GLU B 179 28.30 6.07 35.37
CA GLU B 179 28.05 4.72 35.94
C GLU B 179 27.74 3.68 34.87
N VAL B 180 27.21 4.11 33.70
CA VAL B 180 26.98 3.18 32.61
C VAL B 180 28.33 2.86 31.98
N LEU B 181 29.12 3.90 31.66
CA LEU B 181 30.41 3.68 31.00
C LEU B 181 31.39 2.89 31.85
N MET B 182 31.41 3.14 33.15
CA MET B 182 32.33 2.45 34.05
C MET B 182 31.85 1.08 34.52
N TYR B 183 30.58 0.96 34.94
CA TYR B 183 30.07 -0.26 35.58
C TYR B 183 28.87 -0.96 34.93
N SER B 184 28.37 -0.48 33.76
CA SER B 184 27.15 -1.02 33.11
C SER B 184 25.93 -0.93 34.06
N LYS B 185 25.87 0.14 34.88
CA LYS B 185 24.76 0.41 35.80
C LYS B 185 23.62 1.16 35.04
N PHE B 186 22.69 0.42 34.43
CA PHE B 186 21.53 1.03 33.73
C PHE B 186 20.40 1.24 34.70
N SER B 187 19.67 2.37 34.56
CA SER B 187 18.51 2.67 35.42
C SER B 187 17.67 3.76 34.76
N SER B 188 16.59 4.19 35.44
CA SER B 188 15.81 5.32 34.93
C SER B 188 16.72 6.57 34.84
N LYS B 189 17.71 6.69 35.73
CA LYS B 189 18.65 7.82 35.74
C LYS B 189 19.62 7.81 34.54
N SER B 190 19.84 6.67 33.87
CA SER B 190 20.66 6.65 32.65
C SER B 190 19.81 7.14 31.47
N ASP B 191 18.46 6.93 31.50
CA ASP B 191 17.57 7.53 30.49
C ASP B 191 17.52 9.06 30.71
N ILE B 192 17.51 9.50 31.99
CA ILE B 192 17.49 10.94 32.34
C ILE B 192 18.75 11.61 31.75
N TRP B 193 19.92 11.01 31.96
CA TRP B 193 21.17 11.58 31.40
C TRP B 193 21.06 11.72 29.85
N ALA B 194 20.60 10.64 29.17
CA ALA B 194 20.43 10.62 27.71
C ALA B 194 19.44 11.73 27.27
N PHE B 195 18.36 11.95 28.04
CA PHE B 195 17.40 13.01 27.75
C PHE B 195 18.10 14.38 27.80
N GLY B 196 18.96 14.65 28.81
CA GLY B 196 19.68 15.93 28.83
C GLY B 196 20.54 16.08 27.55
N VAL B 197 21.20 15.00 27.11
CA VAL B 197 22.01 15.01 25.88
C VAL B 197 21.10 15.28 24.68
N LEU B 198 19.91 14.66 24.65
N LEU B 198 19.91 14.66 24.66
CA LEU B 198 18.97 14.93 23.55
CA LEU B 198 18.94 14.91 23.58
C LEU B 198 18.51 16.40 23.55
C LEU B 198 18.52 16.39 23.56
N MET B 199 18.24 17.00 24.73
CA MET B 199 17.88 18.43 24.75
C MET B 199 19.08 19.24 24.15
N TRP B 200 20.32 18.88 24.48
CA TRP B 200 21.49 19.54 23.90
C TRP B 200 21.53 19.35 22.35
N GLU B 201 21.25 18.15 21.85
CA GLU B 201 21.17 17.93 20.40
C GLU B 201 20.11 18.87 19.75
N ILE B 202 18.94 19.03 20.38
CA ILE B 202 17.87 19.89 19.83
C ILE B 202 18.34 21.36 19.81
N TYR B 203 18.84 21.85 20.95
CA TYR B 203 19.28 23.27 21.04
C TYR B 203 20.54 23.59 20.24
N SER B 204 21.34 22.57 19.90
N SER B 204 21.35 22.57 19.94
CA SER B 204 22.51 22.76 19.01
CA SER B 204 22.53 22.74 19.07
C SER B 204 22.16 22.51 17.54
C SER B 204 22.15 22.59 17.56
N LEU B 205 20.88 22.27 17.22
CA LEU B 205 20.42 22.00 15.86
C LEU B 205 21.11 20.76 15.26
N GLY B 206 21.20 19.69 16.06
CA GLY B 206 21.69 18.41 15.58
C GLY B 206 23.19 18.22 15.57
N LYS B 207 23.98 19.00 16.33
CA LYS B 207 25.41 18.70 16.36
C LYS B 207 25.64 17.35 17.06
N MET B 208 26.79 16.72 16.76
N MET B 208 26.76 16.66 16.74
CA MET B 208 27.20 15.49 17.43
CA MET B 208 27.11 15.43 17.44
C MET B 208 27.63 15.89 18.85
C MET B 208 27.59 15.87 18.84
N PRO B 209 27.14 15.23 19.92
CA PRO B 209 27.61 15.63 21.27
C PRO B 209 29.15 15.33 21.37
N TYR B 210 29.94 16.24 21.97
CA TYR B 210 31.41 16.05 22.10
C TYR B 210 32.01 15.94 20.70
N GLU B 211 31.53 16.78 19.76
CA GLU B 211 31.86 16.67 18.33
C GLU B 211 33.37 16.57 17.99
N ARG B 212 34.25 17.12 18.81
CA ARG B 212 35.71 17.11 18.59
C ARG B 212 36.36 15.81 19.08
N PHE B 213 35.66 15.02 19.91
CA PHE B 213 36.24 13.83 20.53
C PHE B 213 35.74 12.53 19.94
N THR B 214 36.56 11.46 20.10
CA THR B 214 36.16 10.12 19.72
C THR B 214 35.31 9.61 20.91
N ASN B 215 34.70 8.41 20.77
CA ASN B 215 33.92 7.82 21.86
C ASN B 215 34.86 7.51 23.03
N SER B 216 36.06 7.00 22.72
CA SER B 216 37.03 6.69 23.76
C SER B 216 37.45 7.94 24.54
N GLU B 217 37.71 9.05 23.85
CA GLU B 217 38.08 10.28 24.55
C GLU B 217 36.90 10.84 25.32
N THR B 218 35.67 10.73 24.77
CA THR B 218 34.46 11.22 25.46
C THR B 218 34.31 10.48 26.80
N ALA B 219 34.44 9.15 26.78
CA ALA B 219 34.36 8.35 28.02
C ALA B 219 35.38 8.81 29.07
N GLU B 220 36.62 9.02 28.65
CA GLU B 220 37.70 9.49 29.55
C GLU B 220 37.33 10.87 30.10
N HIS B 221 36.80 11.77 29.24
CA HIS B 221 36.44 13.12 29.69
C HIS B 221 35.23 13.15 30.61
N ILE B 222 34.20 12.31 30.35
CA ILE B 222 33.01 12.22 31.22
C ILE B 222 33.44 11.78 32.61
N ALA B 223 34.43 10.87 32.70
CA ALA B 223 34.99 10.39 33.98
C ALA B 223 35.64 11.53 34.74
N GLN B 224 36.27 12.46 34.00
CA GLN B 224 36.93 13.64 34.56
C GLN B 224 35.94 14.79 34.85
N GLY B 225 34.60 14.55 34.79
CA GLY B 225 33.57 15.51 35.14
C GLY B 225 33.26 16.53 34.02
N LEU B 226 33.72 16.30 32.76
CA LEU B 226 33.46 17.20 31.60
C LEU B 226 32.00 17.12 31.20
N ARG B 227 31.39 18.25 30.80
CA ARG B 227 30.02 18.27 30.36
C ARG B 227 29.88 19.07 29.07
N LEU B 228 28.72 18.92 28.42
CA LEU B 228 28.40 19.63 27.17
C LEU B 228 28.19 21.13 27.45
N TYR B 229 28.81 21.98 26.62
CA TYR B 229 28.65 23.44 26.81
C TYR B 229 27.20 23.89 26.55
N ARG B 230 26.84 25.13 26.99
CA ARG B 230 25.50 25.66 26.72
C ARG B 230 25.38 26.05 25.24
N PRO B 231 24.44 25.46 24.48
CA PRO B 231 24.27 25.89 23.09
C PRO B 231 23.82 27.36 23.04
N HIS B 232 24.22 28.11 22.02
CA HIS B 232 23.81 29.52 21.90
C HIS B 232 22.29 29.74 21.98
N LEU B 233 21.48 28.82 21.41
CA LEU B 233 20.02 28.98 21.42
C LEU B 233 19.35 28.65 22.74
N ALA B 234 20.07 28.01 23.68
CA ALA B 234 19.51 27.67 24.97
C ALA B 234 19.66 28.84 25.95
N SER B 235 18.57 29.28 26.56
CA SER B 235 18.63 30.32 27.60
C SER B 235 19.28 29.68 28.86
N GLU B 236 19.63 30.50 29.86
CA GLU B 236 20.19 30.07 31.13
C GLU B 236 19.22 29.08 31.83
N LYS B 237 17.92 29.35 31.77
CA LYS B 237 16.94 28.44 32.40
C LYS B 237 16.83 27.08 31.66
N VAL B 238 16.85 27.10 30.33
CA VAL B 238 16.82 25.86 29.54
C VAL B 238 18.12 25.05 29.80
N TYR B 239 19.27 25.72 29.84
CA TYR B 239 20.52 25.01 30.11
C TYR B 239 20.52 24.37 31.52
N THR B 240 19.95 25.07 32.51
CA THR B 240 19.86 24.54 33.88
C THR B 240 19.11 23.21 33.86
N ILE B 241 18.04 23.10 33.02
CA ILE B 241 17.27 21.88 32.92
C ILE B 241 18.13 20.76 32.35
N MET B 242 18.76 20.97 31.17
CA MET B 242 19.57 19.90 30.61
C MET B 242 20.75 19.54 31.50
N TYR B 243 21.38 20.53 32.16
CA TYR B 243 22.52 20.33 33.06
C TYR B 243 22.16 19.49 34.28
N SER B 244 20.91 19.65 34.83
CA SER B 244 20.42 18.87 35.97
C SER B 244 20.38 17.36 35.67
N CYS B 245 20.23 16.99 34.38
CA CYS B 245 20.25 15.57 33.97
C CYS B 245 21.64 14.95 34.09
N TRP B 246 22.72 15.77 34.19
CA TRP B 246 24.08 15.26 34.17
C TRP B 246 24.79 15.28 35.52
N HIS B 247 24.04 15.31 36.64
CA HIS B 247 24.66 15.26 37.97
C HIS B 247 25.49 13.94 38.06
N GLU B 248 26.73 14.05 38.55
CA GLU B 248 27.62 12.89 38.67
C GLU B 248 26.90 11.77 39.47
N LYS B 249 26.14 12.13 40.51
CA LYS B 249 25.40 11.16 41.33
C LYS B 249 24.03 10.94 40.72
N ALA B 250 23.75 9.70 40.31
CA ALA B 250 22.47 9.35 39.65
C ALA B 250 21.22 9.72 40.48
N ASP B 251 21.25 9.50 41.82
CA ASP B 251 20.10 9.82 42.68
C ASP B 251 19.81 11.32 42.79
N GLU B 252 20.77 12.19 42.42
CA GLU B 252 20.56 13.63 42.44
C GLU B 252 19.93 14.11 41.10
N ARG B 253 19.84 13.26 40.08
CA ARG B 253 19.23 13.67 38.81
C ARG B 253 17.69 13.67 38.99
N PRO B 254 16.97 14.57 38.31
CA PRO B 254 15.51 14.61 38.48
C PRO B 254 14.81 13.41 37.80
N THR B 255 13.51 13.28 38.00
CA THR B 255 12.66 12.29 37.32
C THR B 255 12.09 12.98 36.06
N PHE B 256 11.43 12.24 35.16
CA PHE B 256 10.82 12.85 33.97
C PHE B 256 9.62 13.71 34.35
N LYS B 257 8.94 13.38 35.45
CA LYS B 257 7.83 14.19 35.95
C LYS B 257 8.34 15.58 36.37
N ILE B 258 9.46 15.63 37.11
CA ILE B 258 10.08 16.90 37.53
C ILE B 258 10.59 17.67 36.30
N LEU B 259 11.25 16.97 35.37
CA LEU B 259 11.72 17.64 34.13
C LEU B 259 10.54 18.23 33.35
N LEU B 260 9.42 17.49 33.27
CA LEU B 260 8.25 18.01 32.54
C LEU B 260 7.72 19.29 33.21
N SER B 261 7.67 19.33 34.56
CA SER B 261 7.21 20.54 35.26
C SER B 261 8.20 21.70 35.03
N ASN B 262 9.52 21.41 34.94
CA ASN B 262 10.51 22.45 34.67
C ASN B 262 10.33 23.02 33.26
N ILE B 263 10.12 22.16 32.28
CA ILE B 263 9.97 22.58 30.87
C ILE B 263 8.71 23.45 30.75
N LEU B 264 7.60 22.98 31.35
CA LEU B 264 6.34 23.78 31.33
C LEU B 264 6.51 25.14 32.01
N ASP B 265 7.26 25.21 33.11
CA ASP B 265 7.54 26.46 33.83
C ASP B 265 8.31 27.44 32.90
N VAL B 266 9.35 26.94 32.17
CA VAL B 266 10.11 27.78 31.24
C VAL B 266 9.26 28.23 30.07
N MET B 267 8.41 27.34 29.53
CA MET B 267 7.52 27.71 28.43
C MET B 267 6.56 28.84 28.87
N ASP B 268 6.06 28.78 30.12
CA ASP B 268 5.17 29.83 30.64
C ASP B 268 5.92 31.14 30.89
N GLU B 269 7.20 31.05 31.26
CA GLU B 269 8.05 32.22 31.55
C GLU B 269 8.64 32.87 30.30
N GLU B 270 9.11 32.06 29.34
CA GLU B 270 9.82 32.55 28.14
C GLU B 270 8.99 32.49 26.84
N SER B 271 7.69 32.13 26.91
CA SER B 271 6.82 32.06 25.73
N01 ULY C . -21.78 -18.77 -25.42
C02 ULY C . -22.30 -19.25 -24.28
C03 ULY C . -23.05 -18.51 -23.38
C04 ULY C . -21.97 -17.48 -25.72
C05 ULY C . -22.74 -16.65 -24.86
N06 ULY C . -23.27 -17.20 -23.70
C07 ULY C . -23.99 -16.21 -23.08
N08 ULY C . -23.93 -15.06 -23.77
C09 ULY C . -23.17 -15.34 -24.88
C10 ULY C . -24.69 -16.40 -21.77
N11 ULY C . -21.40 -17.01 -26.84
C12 ULY C . -25.94 -15.53 -21.66
C13 ULY C . -26.60 -15.69 -20.29
C14 ULY C . -25.61 -15.31 -19.20
N15 ULY C . -24.36 -16.07 -19.36
C16 ULY C . -23.70 -16.02 -20.66
C17 ULY C . -22.93 -14.27 -25.87
C18 ULY C . -22.20 -13.14 -25.47
C19 ULY C . -21.94 -12.13 -26.37
C20 ULY C . -22.40 -12.20 -27.68
C21 ULY C . -23.14 -13.30 -28.08
C22 ULY C . -23.41 -14.33 -27.19
O23 ULY C . -24.10 -15.46 -27.52
C24 ULY C . -24.63 -15.55 -28.86
C25 ULY C . -22.19 -11.16 -28.73
O26 ULY C . -23.04 -11.01 -29.61
N27 ULY C . -21.04 -10.46 -28.66
C28 ULY C . -20.58 -9.46 -29.54
N29 ULY C . -19.38 -8.94 -29.22
C30 ULY C . -18.89 -8.00 -30.05
C31 ULY C . -19.54 -7.55 -31.19
C32 ULY C . -20.77 -8.10 -31.51
C33 ULY C . -21.30 -9.09 -30.69
C34 ULY C . -21.53 -7.66 -32.73
F35 ULY C . -22.84 -7.86 -32.63
F36 ULY C . -21.15 -8.28 -33.83
F37 ULY C . -21.42 -6.35 -32.98
C38 ULY C . -24.05 -16.88 -18.33
C39 ULY C . -25.07 -16.66 -17.23
C40 ULY C . -26.01 -15.56 -17.74
O41 ULY C . -23.08 -17.60 -18.27
C2 5WE D . -21.49 -17.75 -41.61
C3 5WE D . -21.24 -18.92 -40.93
C4 5WE D . -19.28 -16.94 -41.35
C5 5WE D . -18.89 -18.14 -40.59
C12 5WE D . -20.39 -22.44 -37.05
C13 5WE D . -19.03 -22.90 -37.60
N14 5WE D . -19.06 -22.55 -39.04
N15 5WE D . -18.39 -15.94 -41.58
C16 5WE D . -16.36 -18.25 -39.77
C17 5WE D . -15.85 -17.08 -40.39
C18 5WE D . -14.48 -16.72 -40.24
C19 5WE D . -13.61 -17.56 -39.49
C20 5WE D . -14.12 -18.74 -38.88
C21 5WE D . -15.47 -19.09 -39.03
C22 5WE D . -12.18 -17.19 -39.33
O37 5WE D . -18.41 -22.76 -41.28
C30 5WE D . -18.28 -23.15 -40.11
C31 5WE D . -17.31 -24.28 -39.71
C32 5WE D . -16.04 -24.43 -40.59
C11 5WE D . -20.78 -21.23 -37.92
C10 5WE D . -20.06 -21.45 -39.27
C7 5WE D . -19.36 -20.18 -39.69
N6 5WE D . -19.93 -19.12 -40.41
N8 5WE D . -18.07 -19.93 -39.42
C9 5WE D . -17.75 -18.69 -39.92
N1 5WE D . -20.56 -16.75 -41.84
O24 5WE D . -11.41 -17.89 -38.68
N23 5WE D . -11.73 -16.00 -39.95
C25 5WE D . -10.44 -15.45 -39.93
N29 5WE D . -10.20 -14.31 -40.58
S26 5WE D . -9.04 -16.14 -39.15
C28 5WE D . -8.85 -13.96 -40.44
C27 5WE D . -8.11 -14.83 -39.70
C1 5WE D . -16.18 -25.74 -41.40
N2 5WE D . -14.83 -26.38 -41.60
C8 5WE D . -14.54 -26.53 -43.06
C14 5WE D . -14.77 -27.71 -40.94
N01 ULY E . 7.76 6.82 9.67
C02 ULY E . 8.53 7.48 8.80
C03 ULY E . 9.88 7.28 8.66
C04 ULY E . 8.30 5.87 10.43
C05 ULY E . 9.70 5.56 10.32
N06 ULY E . 10.47 6.30 9.42
C07 ULY E . 11.74 5.85 9.49
N08 ULY E . 11.86 4.87 10.40
C09 ULY E . 10.60 4.67 10.91
C10 ULY E . 12.85 6.38 8.63
N11 ULY E . 7.51 5.24 11.30
C12 ULY E . 13.85 5.26 8.28
C13 ULY E . 15.05 5.81 7.52
C14 ULY E . 15.73 6.84 8.41
N15 ULY E . 14.77 7.89 8.76
C16 ULY E . 13.54 7.48 9.43
C17 ULY E . 10.39 3.64 11.94
C18 ULY E . 11.11 3.76 13.13
C19 ULY E . 10.95 2.83 14.14
C20 ULY E . 10.06 1.77 13.99
C21 ULY E . 9.35 1.63 12.81
C22 ULY E . 9.52 2.55 11.79
O23 ULY E . 8.85 2.48 10.60
C24 ULY E . 7.91 1.40 10.41
C25 ULY E . 9.80 0.70 15.00
O26 ULY E . 9.52 -0.44 14.63
N27 ULY E . 9.84 1.09 16.30
C28 ULY E . 9.55 0.32 17.44
N29 ULY E . 9.69 1.01 18.59
C30 ULY E . 9.45 0.34 19.74
C31 ULY E . 9.03 -0.97 19.78
C32 ULY E . 8.85 -1.67 18.60
C33 ULY E . 9.11 -1.01 17.40
C34 ULY E . 8.41 -3.09 18.59
F35 ULY E . 9.22 -3.87 17.86
F36 ULY E . 7.20 -3.23 18.08
F37 ULY E . 8.38 -3.65 19.79
C38 ULY E . 15.02 9.09 8.20
C39 ULY E . 16.33 9.00 7.46
C40 ULY E . 16.91 7.63 7.82
O41 ULY E . 14.31 10.07 8.33
C2 5WE F . -4.21 -4.12 13.59
C3 5WE F . -4.36 -3.05 12.73
C4 5WE F . -4.23 -2.76 15.53
C5 5WE F . -4.38 -1.54 14.72
C12 5WE F . -3.31 1.64 10.50
C13 5WE F . -4.78 2.10 10.47
N14 5WE F . -5.58 0.95 10.99
N15 5WE F . -4.17 -2.71 16.90
C16 5WE F . -4.54 0.76 16.06
C17 5WE F . -4.41 0.23 17.36
C18 5WE F . -4.47 1.06 18.48
C19 5WE F . -4.67 2.44 18.33
C20 5WE F . -4.81 3.00 17.04
C21 5WE F . -4.74 2.16 15.91
C22 5WE F . -4.72 3.28 19.57
O37 5WE F . -7.57 -0.06 11.70
C30 5WE F . -7.01 0.97 11.26
C31 5WE F . -7.73 2.30 10.96
C32 5WE F . -9.21 2.35 11.36
C11 5WE F . -3.33 0.12 10.64
C10 5WE F . -4.70 -0.24 11.23
C7 5WE F . -4.59 -0.50 12.70
N6 5WE F . -4.45 -1.76 13.30
N8 5WE F . -4.64 0.48 13.64
C9 5WE F . -4.49 -0.11 14.88
N1 5WE F . -4.15 -4.02 14.97
O24 5WE F . -4.89 4.50 19.51
N23 5WE F . -4.57 2.58 20.81
C25 5WE F . -4.59 3.12 22.09
N29 5WE F . -4.43 2.30 23.16
S26 5WE F . -4.81 4.81 22.50
C28 5WE F . -4.49 3.06 24.34
C27 5WE F . -4.67 4.42 24.15
C1 5WE F . -9.35 2.72 12.87
N2 5WE F . -10.78 2.73 13.38
C8 5WE F . -11.59 1.48 13.11
C14 5WE F . -11.54 3.97 13.06
#